data_8B2M
#
_entry.id   8B2M
#
_cell.length_a   76.210
_cell.length_b   76.210
_cell.length_c   30.520
_cell.angle_alpha   90.00
_cell.angle_beta   90.00
_cell.angle_gamma   120.00
#
_symmetry.space_group_name_H-M   'P 31 2 1'
#
loop_
_entity.id
_entity.type
_entity.pdbx_description
1 polymer 'Tannerella forsythia Potempin A (PotA)'
2 non-polymer 'NICKEL (II) ION'
3 water water
#
_entity_poly.entity_id   1
_entity_poly.type   'polypeptide(L)'
_entity_poly.pdbx_seq_one_letter_code
;MKQQIILWIGVLLLLIGGVGCKKDQSSCCDKEIIKDVSELTGIISYNTEVKRWYISVSDANSYDNVTLYFPCNLDSKYMK
EKEKVIFSGQISKSTLKITLPAGTTSYCINLMSINKIN
;
_entity_poly.pdbx_strand_id   A
#
# COMPACT_ATOMS: atom_id res chain seq x y z
N LYS A 23 18.13 2.66 -8.10
CA LYS A 23 17.15 3.08 -9.10
C LYS A 23 17.17 2.10 -10.30
N ASP A 24 18.21 1.25 -10.38
CA ASP A 24 18.39 0.21 -11.39
C ASP A 24 17.69 -1.03 -10.87
N GLN A 25 16.38 -0.89 -10.69
CA GLN A 25 15.55 -1.97 -10.17
C GLN A 25 14.23 -2.00 -10.93
N SER A 26 13.71 -3.20 -11.14
CA SER A 26 12.42 -3.34 -11.81
C SER A 26 11.30 -3.46 -10.78
N SER A 27 10.14 -2.92 -11.11
CA SER A 27 9.01 -3.01 -10.19
C SER A 27 8.41 -4.41 -10.16
N CYS A 28 8.07 -4.90 -8.96
CA CYS A 28 7.37 -6.20 -8.81
C CYS A 28 5.93 -6.11 -9.35
N CYS A 29 5.33 -4.89 -9.43
CA CYS A 29 3.95 -4.77 -9.91
C CYS A 29 3.86 -5.18 -11.36
N ASP A 30 2.74 -5.82 -11.75
CA ASP A 30 2.57 -6.26 -13.12
C ASP A 30 2.36 -5.09 -14.06
N LYS A 31 1.56 -4.10 -13.63
CA LYS A 31 1.17 -3.04 -14.54
C LYS A 31 2.04 -1.79 -14.45
N GLU A 32 1.95 -1.02 -15.54
CA GLU A 32 2.59 0.29 -15.71
C GLU A 32 2.62 1.13 -14.41
N ILE A 33 3.78 1.67 -14.05
CA ILE A 33 3.90 2.52 -12.87
C ILE A 33 3.15 3.82 -13.15
N ILE A 34 2.28 4.23 -12.22
CA ILE A 34 1.54 5.49 -12.34
C ILE A 34 2.45 6.62 -11.91
N LYS A 35 2.97 6.52 -10.69
CA LYS A 35 3.84 7.52 -10.11
C LYS A 35 4.53 6.95 -8.89
N ASP A 36 5.30 7.77 -8.21
CA ASP A 36 5.90 7.41 -6.95
C ASP A 36 5.15 8.08 -5.83
N VAL A 37 5.01 7.38 -4.70
CA VAL A 37 4.48 7.97 -3.46
C VAL A 37 5.71 8.17 -2.57
N SER A 38 5.78 9.27 -1.80
CA SER A 38 7.00 9.54 -1.04
C SER A 38 6.73 9.86 0.40
N GLU A 39 7.43 9.14 1.28
CA GLU A 39 7.45 9.34 2.74
C GLU A 39 6.04 9.47 3.32
N LEU A 40 5.17 8.51 2.98
CA LEU A 40 3.82 8.47 3.54
C LEU A 40 3.85 7.70 4.82
N THR A 41 2.94 8.04 5.76
CA THR A 41 2.80 7.31 7.02
C THR A 41 1.61 6.38 6.88
N GLY A 42 1.82 5.11 7.18
CA GLY A 42 0.72 4.14 7.10
C GLY A 42 0.73 3.07 8.16
N ILE A 43 -0.36 2.30 8.23
CA ILE A 43 -0.51 1.21 9.21
C ILE A 43 -0.78 -0.06 8.46
N ILE A 44 -0.04 -1.10 8.83
CA ILE A 44 -0.09 -2.39 8.16
C ILE A 44 -1.20 -3.26 8.75
N SER A 45 -1.90 -3.95 7.86
CA SER A 45 -2.89 -4.95 8.25
C SER A 45 -2.92 -6.03 7.16
N TYR A 46 -3.67 -7.09 7.44
CA TYR A 46 -3.82 -8.24 6.57
C TYR A 46 -5.26 -8.33 6.10
N ASN A 47 -5.45 -8.43 4.78
CA ASN A 47 -6.79 -8.55 4.25
C ASN A 47 -7.05 -10.04 4.09
N THR A 48 -8.10 -10.58 4.75
CA THR A 48 -8.35 -12.03 4.71
C THR A 48 -9.15 -12.47 3.47
N GLU A 49 -9.69 -11.52 2.68
CA GLU A 49 -10.38 -11.86 1.45
C GLU A 49 -9.36 -12.23 0.36
N VAL A 50 -8.39 -11.33 0.13
CA VAL A 50 -7.40 -11.54 -0.91
C VAL A 50 -6.13 -12.20 -0.35
N LYS A 51 -6.02 -12.37 0.99
CA LYS A 51 -4.89 -13.03 1.66
C LYS A 51 -3.58 -12.27 1.43
N ARG A 52 -3.65 -10.94 1.57
CA ARG A 52 -2.48 -10.09 1.38
C ARG A 52 -2.30 -9.07 2.49
N TRP A 53 -1.05 -8.72 2.77
CA TRP A 53 -0.70 -7.61 3.65
C TRP A 53 -0.78 -6.31 2.85
N TYR A 54 -1.19 -5.22 3.52
CA TYR A 54 -1.28 -3.90 2.90
C TYR A 54 -0.95 -2.83 3.90
N ILE A 55 -0.74 -1.63 3.39
CA ILE A 55 -0.48 -0.44 4.18
C ILE A 55 -1.61 0.51 3.94
N SER A 56 -2.26 0.91 5.01
CA SER A 56 -3.38 1.84 4.93
C SER A 56 -2.88 3.26 5.22
N VAL A 57 -3.23 4.20 4.32
CA VAL A 57 -2.90 5.62 4.47
C VAL A 57 -4.21 6.41 4.50
N SER A 58 -4.46 7.11 5.60
CA SER A 58 -5.68 7.88 5.74
C SER A 58 -5.46 9.30 5.27
N ASP A 59 -6.45 9.84 4.52
CA ASP A 59 -6.40 11.23 4.05
C ASP A 59 -6.94 12.14 5.13
N ALA A 60 -6.15 13.14 5.51
CA ALA A 60 -6.53 14.11 6.54
C ALA A 60 -7.58 15.11 6.01
N ASN A 61 -7.83 15.08 4.69
CA ASN A 61 -8.80 15.94 4.00
C ASN A 61 -10.25 15.54 4.32
N SER A 62 -10.55 14.23 4.48
CA SER A 62 -11.91 13.75 4.74
C SER A 62 -11.97 12.58 5.76
N TYR A 63 -13.21 12.11 6.03
CA TYR A 63 -13.58 11.05 6.97
C TYR A 63 -13.51 9.63 6.34
N ASP A 64 -13.79 9.51 5.02
CA ASP A 64 -13.86 8.21 4.33
C ASP A 64 -12.69 7.91 3.35
N ASN A 65 -11.87 8.93 2.95
CA ASN A 65 -10.80 8.71 1.98
C ASN A 65 -9.56 8.02 2.58
N VAL A 66 -9.43 6.74 2.27
CA VAL A 66 -8.34 5.85 2.70
C VAL A 66 -7.79 5.21 1.43
N THR A 67 -6.46 5.05 1.35
CA THR A 67 -5.80 4.38 0.23
C THR A 67 -5.03 3.21 0.78
N LEU A 68 -5.21 2.04 0.16
CA LEU A 68 -4.52 0.82 0.56
C LEU A 68 -3.45 0.48 -0.45
N TYR A 69 -2.20 0.32 0.02
CA TYR A 69 -1.09 -0.01 -0.86
C TYR A 69 -0.68 -1.44 -0.58
N PHE A 70 -0.79 -2.30 -1.60
CA PHE A 70 -0.48 -3.73 -1.46
C PHE A 70 0.92 -3.97 -1.97
N PRO A 71 1.91 -4.11 -1.09
CA PRO A 71 3.30 -4.24 -1.59
C PRO A 71 3.58 -5.64 -2.09
N CYS A 72 4.27 -5.74 -3.25
CA CYS A 72 4.62 -7.07 -3.74
C CYS A 72 6.09 -7.41 -3.35
N ASN A 73 6.73 -6.52 -2.57
CA ASN A 73 8.11 -6.77 -2.12
C ASN A 73 8.28 -6.40 -0.64
N LEU A 74 7.23 -6.64 0.16
CA LEU A 74 7.31 -6.31 1.59
C LEU A 74 8.13 -7.35 2.36
N ASP A 75 9.14 -6.89 3.15
CA ASP A 75 9.95 -7.75 4.01
C ASP A 75 9.00 -8.36 5.06
N SER A 76 9.10 -9.68 5.31
CA SER A 76 8.20 -10.33 6.26
C SER A 76 8.35 -9.79 7.69
N LYS A 77 9.47 -9.08 8.00
CA LYS A 77 9.59 -8.52 9.37
C LYS A 77 8.54 -7.41 9.64
N TYR A 78 7.89 -6.88 8.58
CA TYR A 78 6.86 -5.84 8.75
C TYR A 78 5.48 -6.39 8.74
N MET A 79 5.36 -7.71 8.53
CA MET A 79 4.05 -8.37 8.41
C MET A 79 3.51 -8.66 9.82
N LYS A 80 3.07 -7.58 10.47
CA LYS A 80 2.49 -7.56 11.83
C LYS A 80 1.31 -6.61 11.84
N GLU A 81 0.19 -7.07 12.39
CA GLU A 81 -0.99 -6.22 12.50
C GLU A 81 -0.68 -4.93 13.21
N LYS A 82 -1.11 -3.82 12.63
CA LYS A 82 -1.03 -2.46 13.20
C LYS A 82 0.39 -1.87 13.25
N GLU A 83 1.34 -2.45 12.51
CA GLU A 83 2.70 -1.94 12.41
C GLU A 83 2.65 -0.59 11.69
N LYS A 84 3.19 0.47 12.33
CA LYS A 84 3.22 1.82 11.77
C LYS A 84 4.54 2.02 11.03
N VAL A 85 4.48 2.45 9.76
CA VAL A 85 5.66 2.63 8.94
C VAL A 85 5.61 3.94 8.18
N ILE A 86 6.78 4.38 7.75
CA ILE A 86 6.92 5.46 6.80
C ILE A 86 7.46 4.79 5.53
N PHE A 87 6.88 5.08 4.38
CA PHE A 87 7.34 4.37 3.18
C PHE A 87 7.27 5.23 1.90
N SER A 88 7.97 4.75 0.85
CA SER A 88 8.02 5.35 -0.48
C SER A 88 8.02 4.25 -1.49
N GLY A 89 7.48 4.50 -2.65
CA GLY A 89 7.53 3.46 -3.66
C GLY A 89 6.80 3.77 -4.93
N GLN A 90 6.89 2.85 -5.88
CA GLN A 90 6.27 3.00 -7.19
C GLN A 90 4.91 2.33 -7.18
N ILE A 91 3.86 3.11 -7.42
CA ILE A 91 2.52 2.54 -7.40
C ILE A 91 2.00 2.23 -8.80
N SER A 92 1.20 1.16 -8.90
CA SER A 92 0.57 0.76 -10.14
C SER A 92 -0.86 0.36 -9.87
N LYS A 93 -1.66 0.30 -10.91
CA LYS A 93 -3.01 -0.22 -10.71
CA LYS A 93 -3.01 -0.24 -10.77
C LYS A 93 -2.88 -1.73 -10.56
N SER A 94 -3.86 -2.37 -9.98
CA SER A 94 -3.80 -3.83 -9.88
C SER A 94 -5.11 -4.41 -10.34
N THR A 95 -5.09 -5.60 -10.96
CA THR A 95 -6.33 -6.21 -11.40
C THR A 95 -6.93 -7.07 -10.25
N LEU A 96 -6.29 -7.10 -9.08
CA LEU A 96 -6.76 -7.82 -7.90
C LEU A 96 -8.23 -7.48 -7.58
N LYS A 97 -9.10 -8.49 -7.52
CA LYS A 97 -10.51 -8.28 -7.22
C LYS A 97 -10.66 -8.24 -5.71
N ILE A 98 -10.99 -7.05 -5.19
CA ILE A 98 -11.11 -6.83 -3.74
C ILE A 98 -12.37 -6.03 -3.40
N THR A 99 -13.06 -6.44 -2.32
CA THR A 99 -14.26 -5.77 -1.85
C THR A 99 -13.84 -4.69 -0.88
N LEU A 100 -14.04 -3.43 -1.28
CA LEU A 100 -13.69 -2.26 -0.51
C LEU A 100 -14.86 -1.28 -0.39
N PRO A 101 -14.97 -0.54 0.74
CA PRO A 101 -16.05 0.46 0.83
C PRO A 101 -15.82 1.61 -0.17
N ALA A 102 -16.92 2.26 -0.60
N ALA A 102 -16.91 2.33 -0.51
CA ALA A 102 -17.04 3.35 -1.58
CA ALA A 102 -16.84 3.53 -1.36
C ALA A 102 -15.78 4.27 -1.74
C ALA A 102 -15.93 4.55 -0.70
N GLY A 103 -15.39 4.96 -0.68
N GLY A 103 -15.04 5.13 -1.50
CA GLY A 103 -14.28 5.93 -0.69
CA GLY A 103 -14.05 6.09 -1.02
C GLY A 103 -12.91 5.41 -0.33
C GLY A 103 -12.71 5.46 -0.71
N THR A 104 -12.66 4.11 -0.55
CA THR A 104 -11.40 3.41 -0.28
C THR A 104 -10.90 2.92 -1.62
N THR A 105 -9.63 3.24 -1.94
CA THR A 105 -9.03 2.83 -3.21
C THR A 105 -7.76 2.04 -2.90
N SER A 106 -7.27 1.26 -3.88
CA SER A 106 -6.07 0.47 -3.64
C SER A 106 -5.15 0.45 -4.85
N TYR A 107 -3.86 0.22 -4.57
CA TYR A 107 -2.80 0.11 -5.58
C TYR A 107 -1.86 -0.97 -5.23
N CYS A 108 -1.16 -1.48 -6.26
CA CYS A 108 0.01 -2.32 -6.05
C CYS A 108 1.16 -1.36 -5.75
N ILE A 109 2.12 -1.72 -4.89
CA ILE A 109 3.29 -0.86 -4.69
C ILE A 109 4.56 -1.67 -4.68
N ASN A 110 5.59 -1.15 -5.37
CA ASN A 110 6.95 -1.63 -5.35
C ASN A 110 7.68 -0.72 -4.37
N LEU A 111 7.86 -1.18 -3.12
CA LEU A 111 8.50 -0.36 -2.09
C LEU A 111 9.95 -0.05 -2.45
N MET A 112 10.33 1.23 -2.30
CA MET A 112 11.70 1.72 -2.52
C MET A 112 12.36 2.01 -1.17
N SER A 113 11.54 2.32 -0.16
CA SER A 113 11.98 2.50 1.23
C SER A 113 10.81 2.24 2.17
N ILE A 114 11.11 1.70 3.33
CA ILE A 114 10.11 1.43 4.37
C ILE A 114 10.84 1.36 5.70
N ASN A 115 10.32 2.06 6.71
CA ASN A 115 10.93 2.09 8.03
C ASN A 115 9.87 2.12 9.09
N LYS A 116 10.07 1.33 10.13
CA LYS A 116 9.18 1.30 11.28
C LYS A 116 9.27 2.63 12.06
N ILE A 117 8.09 3.13 12.46
CA ILE A 117 7.98 4.33 13.29
C ILE A 117 7.88 3.83 14.73
N ASN A 118 8.65 4.45 15.63
CA ASN A 118 8.72 4.14 17.05
C ASN A 118 8.21 5.35 17.87
#